data_2F9A
#
_entry.id   2F9A
#
_cell.length_a   61.170
_cell.length_b   61.170
_cell.length_c   412.590
_cell.angle_alpha   90.00
_cell.angle_beta   90.00
_cell.angle_gamma   120.00
#
_symmetry.space_group_name_H-M   'P 61 2 2'
#
loop_
_entity.id
_entity.type
_entity.pdbx_description
1 polymer '3-Hydroxy-3-methylglutaryl coenzyme A synthase 1'
2 non-polymer '(7R,12R,13R)-13-formyl-12,14-dihydroxy-3,5,7-trimethyltetradeca-2,4-dienoic acid'
3 water water
#
_entity_poly.entity_id   1
_entity_poly.type   'polypeptide(L)'
_entity_poly.pdbx_seq_one_letter_code
;AKNVGILAMDIYFPPTCVQQEALEAHDGASKGKYTIGLGQDCLAFCTELEDVISMSFNAVTSLLEKYKIDPKQIGRLEVG
SETVIDKSKSIKTFLMQLFEKCGNTDVEGVDSTNACYGGTAALLNCVNWVESNSWDGRYGLVICTDSAVYAEGPARPTGG
AAAIAMLIGPDAPIVFESKLRGSHMAHVYDFYKPNLASEYPVVDGKLSQTCYLMALDSCYKHLCNKFEKLEGKEFSINDA
DYFVFHSPYNKLVQKSFARLLYNDFLRNASSIDEAAKEKFTPYSSLSLDESYQSRDLEKVSQQLAKTYYDAKVQPTTLVP
KQVGNMYTASLYAAFASLVHNKHSDLAGKRVVMFSYGSGSTATMFSLRLCENQSPFSLSNIASVMDVGGKLKARHEYAPE
KFVETMKLMEHRYGAKEFVTSKEGILDLLAPGTYYLKEVDSLYRRFYGKK
;
_entity_poly.pdbx_strand_id   A
#
loop_
_chem_comp.id
_chem_comp.type
_chem_comp.name
_chem_comp.formula
F24 non-polymer '(7R,12R,13R)-13-formyl-12,14-dihydroxy-3,5,7-trimethyltetradeca-2,4-dienoic acid' 'C18 H30 O5'
#
# COMPACT_ATOMS: atom_id res chain seq x y z
N ALA A 1 -1.98 19.51 19.71
CA ALA A 1 -1.68 18.59 18.58
C ALA A 1 -2.01 19.28 17.24
N LYS A 2 -0.99 19.88 16.65
CA LYS A 2 -1.21 20.68 15.44
C LYS A 2 -0.36 20.19 14.28
N ASN A 3 -0.81 20.53 13.08
CA ASN A 3 -0.22 20.04 11.82
C ASN A 3 0.02 18.53 11.80
N VAL A 4 -1.04 17.76 12.07
CA VAL A 4 -0.90 16.32 12.18
C VAL A 4 -0.89 15.69 10.79
N GLY A 5 -0.02 14.72 10.61
CA GLY A 5 0.05 14.00 9.35
C GLY A 5 1.17 12.98 9.38
N ILE A 6 1.74 12.74 8.21
CA ILE A 6 2.76 11.71 8.05
C ILE A 6 4.15 12.29 8.34
N LEU A 7 4.81 11.74 9.36
CA LEU A 7 6.13 12.18 9.79
C LEU A 7 7.28 11.49 9.07
N ALA A 8 7.05 10.23 8.70
CA ALA A 8 8.07 9.29 8.26
C ALA A 8 7.40 8.13 7.54
N MET A 9 8.15 7.48 6.65
CA MET A 9 7.55 6.52 5.72
C MET A 9 8.60 5.53 5.23
N ASP A 10 8.19 4.29 5.03
CA ASP A 10 9.05 3.29 4.39
C ASP A 10 8.20 2.27 3.63
N ILE A 11 8.86 1.58 2.70
CA ILE A 11 8.20 0.65 1.82
C ILE A 11 9.10 -0.58 1.66
N TYR A 12 8.47 -1.73 1.71
CA TYR A 12 9.13 -2.97 1.34
C TYR A 12 8.26 -3.65 0.31
N PHE A 13 8.90 -4.23 -0.70
CA PHE A 13 8.26 -5.13 -1.63
C PHE A 13 9.23 -6.29 -1.87
N PRO A 14 8.72 -7.49 -2.22
CA PRO A 14 9.64 -8.62 -2.40
C PRO A 14 10.59 -8.37 -3.58
N PRO A 15 11.86 -8.82 -3.49
CA PRO A 15 12.79 -8.51 -4.59
C PRO A 15 12.53 -9.35 -5.83
N THR A 16 11.73 -10.41 -5.69
CA THR A 16 11.48 -11.32 -6.80
C THR A 16 10.37 -10.81 -7.71
N CYS A 17 10.61 -10.85 -9.03
CA CYS A 17 9.64 -10.29 -9.97
C CYS A 17 9.71 -10.90 -11.38
N VAL A 18 8.67 -10.62 -12.16
CA VAL A 18 8.58 -11.09 -13.53
C VAL A 18 8.21 -9.91 -14.44
N GLN A 19 8.82 -9.86 -15.61
CA GLN A 19 8.57 -8.83 -16.62
C GLN A 19 7.23 -9.03 -17.35
N GLN A 20 6.45 -7.96 -17.44
CA GLN A 20 5.15 -8.02 -18.12
C GLN A 20 5.27 -8.42 -19.61
N GLU A 21 6.25 -7.88 -20.32
CA GLU A 21 6.50 -8.22 -21.71
C GLU A 21 6.84 -9.71 -21.89
N ALA A 22 7.75 -10.22 -21.05
CA ALA A 22 8.08 -11.63 -21.10
C ALA A 22 6.83 -12.46 -20.85
N LEU A 23 5.98 -12.00 -19.92
CA LEU A 23 4.74 -12.71 -19.58
C LEU A 23 3.71 -12.76 -20.72
N GLU A 24 3.57 -11.65 -21.43
CA GLU A 24 2.74 -11.57 -22.64
C GLU A 24 3.15 -12.68 -23.63
N ALA A 25 4.47 -12.81 -23.85
CA ALA A 25 4.99 -13.84 -24.76
C ALA A 25 4.65 -15.24 -24.25
N HIS A 26 4.98 -15.51 -22.99
CA HIS A 26 4.67 -16.79 -22.36
C HIS A 26 3.17 -17.12 -22.45
N ASP A 27 2.30 -16.13 -22.21
CA ASP A 27 0.85 -16.34 -22.35
C ASP A 27 0.45 -16.24 -23.83
N GLY A 28 -0.83 -16.46 -24.14
CA GLY A 28 -1.26 -16.29 -25.53
C GLY A 28 -1.20 -14.87 -26.07
N ALA A 29 -0.85 -13.89 -25.22
CA ALA A 29 -1.21 -12.49 -25.45
C ALA A 29 -0.44 -11.79 -26.57
N SER A 30 -1.17 -10.99 -27.33
CA SER A 30 -0.60 -10.15 -28.38
C SER A 30 0.20 -9.02 -27.78
N LYS A 31 1.24 -8.57 -28.49
CA LYS A 31 2.10 -7.46 -28.04
C LYS A 31 1.37 -6.32 -27.31
N GLY A 32 1.90 -5.92 -26.15
CA GLY A 32 1.39 -4.78 -25.40
C GLY A 32 0.02 -4.94 -24.73
N LYS A 33 -0.39 -6.19 -24.48
CA LYS A 33 -1.67 -6.42 -23.80
C LYS A 33 -1.57 -6.06 -22.31
N TYR A 34 -0.38 -6.22 -21.74
CA TYR A 34 -0.12 -5.89 -20.36
C TYR A 34 0.56 -4.55 -20.23
N THR A 35 1.63 -4.35 -21.00
CA THR A 35 2.41 -3.11 -20.96
C THR A 35 1.63 -1.87 -21.47
N ILE A 36 0.66 -2.07 -22.37
CA ILE A 36 -0.17 -0.98 -22.91
C ILE A 36 -1.61 -1.02 -22.39
N GLY A 37 -2.29 -2.15 -22.60
CA GLY A 37 -3.61 -2.40 -22.02
C GLY A 37 -3.71 -2.13 -20.52
N LEU A 38 -2.82 -2.75 -19.71
CA LEU A 38 -2.79 -2.44 -18.28
C LEU A 38 -1.93 -1.20 -17.98
N GLY A 39 -0.90 -0.96 -18.78
CA GLY A 39 0.06 0.13 -18.54
C GLY A 39 1.10 -0.24 -17.49
N GLN A 40 1.41 -1.53 -17.36
CA GLN A 40 2.30 -2.09 -16.33
C GLN A 40 3.59 -2.66 -16.89
N ASP A 41 4.68 -2.57 -16.16
CA ASP A 41 5.99 -3.00 -16.69
C ASP A 41 6.59 -4.19 -16.00
N CYS A 42 6.42 -4.27 -14.69
CA CYS A 42 7.02 -5.34 -13.91
C CYS A 42 6.04 -5.79 -12.80
N LEU A 43 6.20 -7.03 -12.33
CA LEU A 43 5.31 -7.57 -11.30
C LEU A 43 6.17 -8.18 -10.20
N ALA A 44 6.11 -7.60 -9.01
CA ALA A 44 6.73 -8.20 -7.81
C ALA A 44 5.77 -9.20 -7.14
N PHE A 45 6.29 -10.35 -6.70
CA PHE A 45 5.48 -11.41 -6.07
C PHE A 45 6.20 -12.00 -4.87
N CYS A 46 5.45 -12.57 -3.91
CA CYS A 46 6.07 -13.29 -2.79
C CYS A 46 6.35 -14.74 -3.14
N THR A 47 7.58 -15.17 -2.84
CA THR A 47 7.90 -16.60 -2.84
C THR A 47 7.49 -17.20 -1.50
N GLU A 48 7.64 -18.52 -1.38
CA GLU A 48 7.26 -19.26 -0.19
C GLU A 48 7.81 -18.65 1.10
N LEU A 49 8.91 -17.89 1.02
CA LEU A 49 9.55 -17.28 2.20
C LEU A 49 8.94 -15.96 2.69
N GLU A 50 8.07 -15.34 1.88
CA GLU A 50 7.54 -14.04 2.25
C GLU A 50 6.02 -13.95 2.23
N ASP A 51 5.48 -13.19 3.18
CA ASP A 51 4.04 -12.96 3.28
C ASP A 51 3.76 -11.56 3.84
N VAL A 52 2.48 -11.24 3.96
CA VAL A 52 2.07 -9.93 4.44
C VAL A 52 2.62 -9.63 5.84
N ILE A 53 2.85 -10.69 6.61
CA ILE A 53 3.40 -10.50 7.94
C ILE A 53 4.89 -10.15 7.89
N SER A 54 5.69 -10.97 7.22
CA SER A 54 7.13 -10.73 7.09
C SER A 54 7.39 -9.39 6.42
N MET A 55 6.63 -9.08 5.38
CA MET A 55 6.76 -7.79 4.68
C MET A 55 6.50 -6.64 5.65
N SER A 56 5.53 -6.83 6.55
CA SER A 56 5.22 -5.82 7.57
C SER A 56 6.38 -5.63 8.56
N PHE A 57 7.02 -6.72 8.98
CA PHE A 57 8.20 -6.64 9.86
C PHE A 57 9.33 -5.87 9.18
N ASN A 58 9.54 -6.14 7.88
CA ASN A 58 10.58 -5.42 7.14
C ASN A 58 10.32 -3.90 7.17
N ALA A 59 9.10 -3.48 6.82
CA ALA A 59 8.70 -2.07 6.72
C ALA A 59 8.79 -1.31 8.05
N VAL A 60 8.23 -1.91 9.11
CA VAL A 60 8.23 -1.33 10.45
C VAL A 60 9.64 -1.26 11.05
N THR A 61 10.40 -2.34 10.92
CA THR A 61 11.78 -2.38 11.38
C THR A 61 12.63 -1.30 10.73
N SER A 62 12.48 -1.17 9.42
CA SER A 62 13.27 -0.24 8.66
C SER A 62 12.96 1.20 9.03
N LEU A 63 11.68 1.52 9.24
CA LEU A 63 11.25 2.87 9.61
C LEU A 63 11.86 3.26 10.94
N LEU A 64 11.65 2.41 11.94
CA LEU A 64 12.14 2.63 13.32
C LEU A 64 13.67 2.70 13.40
N GLU A 65 14.34 1.85 12.63
CA GLU A 65 15.80 1.87 12.60
C GLU A 65 16.35 3.13 11.91
N LYS A 66 15.78 3.49 10.77
CA LYS A 66 16.36 4.53 9.90
C LYS A 66 16.02 5.95 10.29
N TYR A 67 14.80 6.17 10.77
CA TYR A 67 14.41 7.48 11.28
C TYR A 67 14.73 7.57 12.77
N LYS A 68 15.35 6.51 13.28
CA LYS A 68 15.78 6.39 14.67
C LYS A 68 14.67 6.57 15.71
N ILE A 69 13.54 5.91 15.49
CA ILE A 69 12.40 6.00 16.40
C ILE A 69 12.48 4.93 17.48
N ASP A 70 12.25 5.34 18.72
CA ASP A 70 12.26 4.43 19.85
C ASP A 70 10.92 3.69 19.90
N PRO A 71 10.95 2.33 19.95
CA PRO A 71 9.72 1.52 19.97
C PRO A 71 8.74 1.84 21.10
N LYS A 72 9.25 2.27 22.26
CA LYS A 72 8.41 2.71 23.39
C LYS A 72 7.60 3.96 23.04
N GLN A 73 7.98 4.63 21.94
CA GLN A 73 7.37 5.89 21.54
C GLN A 73 6.16 5.75 20.61
N ILE A 74 5.79 4.50 20.32
CA ILE A 74 4.58 4.21 19.55
C ILE A 74 3.40 3.93 20.48
N GLY A 75 2.32 4.70 20.34
CA GLY A 75 1.15 4.53 21.22
C GLY A 75 -0.04 3.88 20.55
N ARG A 76 -0.12 3.99 19.22
CA ARG A 76 -1.15 3.33 18.47
C ARG A 76 -0.52 2.72 17.23
N LEU A 77 -0.79 1.44 16.99
CA LEU A 77 -0.36 0.72 15.80
C LEU A 77 -1.57 0.09 15.08
N GLU A 78 -1.79 0.47 13.83
CA GLU A 78 -2.94 -0.09 13.08
C GLU A 78 -2.53 -0.67 11.74
N VAL A 79 -3.22 -1.73 11.33
CA VAL A 79 -2.92 -2.39 10.06
C VAL A 79 -4.12 -2.38 9.11
N GLY A 80 -3.89 -1.98 7.85
CA GLY A 80 -4.88 -2.09 6.79
C GLY A 80 -4.48 -3.20 5.83
N SER A 81 -5.44 -4.05 5.46
CA SER A 81 -5.16 -5.15 4.54
C SER A 81 -6.45 -5.82 4.06
N GLU A 82 -6.37 -6.60 2.99
CA GLU A 82 -7.44 -7.58 2.68
C GLU A 82 -6.86 -9.00 2.51
N THR A 83 -5.61 -9.21 2.92
CA THR A 83 -4.99 -10.54 2.88
C THR A 83 -5.22 -11.24 4.22
N VAL A 84 -6.13 -12.22 4.25
CA VAL A 84 -6.56 -12.86 5.50
C VAL A 84 -5.68 -14.07 5.84
N ILE A 85 -4.98 -14.00 6.98
CA ILE A 85 -4.18 -15.12 7.46
C ILE A 85 -5.00 -15.95 8.46
N ASP A 86 -5.76 -15.26 9.29
CA ASP A 86 -6.55 -15.89 10.31
C ASP A 86 -7.85 -15.12 10.33
N LYS A 87 -8.96 -15.77 10.69
CA LYS A 87 -10.24 -15.06 10.77
C LYS A 87 -10.47 -14.38 12.14
N SER A 88 -9.56 -14.60 13.08
CA SER A 88 -9.65 -14.01 14.42
C SER A 88 -8.42 -13.18 14.78
N LYS A 89 -7.24 -13.74 14.58
CA LYS A 89 -5.99 -13.14 14.96
C LYS A 89 -5.55 -12.13 13.88
N SER A 90 -5.55 -10.86 14.26
CA SER A 90 -5.19 -9.75 13.38
C SER A 90 -3.70 -9.70 13.04
N ILE A 91 -3.36 -9.16 11.86
CA ILE A 91 -1.96 -8.93 11.50
C ILE A 91 -1.26 -8.07 12.59
N LYS A 92 -2.02 -7.18 13.21
CA LYS A 92 -1.53 -6.30 14.26
C LYS A 92 -0.91 -7.08 15.44
N THR A 93 -1.57 -8.16 15.87
CA THR A 93 -1.02 -8.93 16.98
C THR A 93 0.37 -9.49 16.65
N PHE A 94 0.56 -10.00 15.44
CA PHE A 94 1.89 -10.44 14.96
C PHE A 94 2.95 -9.34 15.15
N LEU A 95 2.60 -8.13 14.70
CA LEU A 95 3.50 -6.97 14.78
C LEU A 95 3.94 -6.58 16.20
N MET A 96 3.14 -6.98 17.20
CA MET A 96 3.47 -6.70 18.61
C MET A 96 4.73 -7.45 19.05
N GLN A 97 5.09 -8.49 18.30
CA GLN A 97 6.33 -9.23 18.53
C GLN A 97 7.51 -8.25 18.67
N LEU A 98 7.54 -7.23 17.81
CA LEU A 98 8.63 -6.25 17.80
C LEU A 98 8.65 -5.36 19.03
N PHE A 99 7.52 -5.27 19.73
CA PHE A 99 7.40 -4.34 20.83
C PHE A 99 7.53 -4.95 22.22
N GLU A 100 7.64 -6.29 22.30
CA GLU A 100 7.65 -7.00 23.60
C GLU A 100 9.02 -7.00 24.30
N LYS A 101 10.08 -7.24 23.54
CA LYS A 101 11.40 -7.29 24.12
C LYS A 101 11.97 -5.89 24.30
N CYS A 102 11.05 -4.94 24.48
CA CYS A 102 11.36 -3.65 25.11
C CYS A 102 10.18 -3.18 25.97
N GLY A 103 9.17 -4.03 26.12
CA GLY A 103 8.10 -3.81 27.10
C GLY A 103 7.02 -2.80 26.75
N ASN A 104 6.88 -2.46 25.48
CA ASN A 104 5.80 -1.56 25.04
C ASN A 104 4.53 -2.29 24.56
N THR A 105 3.72 -2.73 25.53
CA THR A 105 2.52 -3.51 25.22
C THR A 105 1.23 -2.67 25.26
N ASP A 106 1.32 -1.46 25.79
CA ASP A 106 0.18 -0.54 25.89
C ASP A 106 0.06 0.24 24.59
N VAL A 107 -0.51 -0.43 23.57
CA VAL A 107 -0.53 0.07 22.19
C VAL A 107 -1.90 -0.14 21.51
N GLU A 108 -2.67 0.92 21.37
CA GLU A 108 -4.02 0.79 20.81
C GLU A 108 -4.01 0.39 19.32
N GLY A 109 -5.19 0.00 18.83
CA GLY A 109 -5.39 -0.27 17.40
C GLY A 109 -5.43 -1.73 16.98
N VAL A 110 -6.18 -2.00 15.91
CA VAL A 110 -6.19 -3.35 15.31
C VAL A 110 -6.14 -3.30 13.76
N ASP A 111 -6.72 -4.30 13.12
CA ASP A 111 -6.79 -4.35 11.66
C ASP A 111 -8.07 -3.68 11.12
N SER A 112 -7.93 -2.97 10.00
CA SER A 112 -9.07 -2.35 9.31
C SER A 112 -9.21 -2.99 7.94
N THR A 113 -10.44 -3.44 7.61
CA THR A 113 -10.76 -4.02 6.30
C THR A 113 -11.88 -3.34 5.51
N ASN A 114 -11.53 -2.99 4.28
CA ASN A 114 -12.43 -3.13 3.15
C ASN A 114 -11.63 -3.10 1.87
N ALA A 115 -11.40 -4.09 1.32
CA ALA A 115 -10.84 -4.30 -0.03
C ALA A 115 -9.50 -3.63 -0.20
N CYS A 116 -9.14 -2.27 -0.96
CA CYS A 116 -7.81 -1.69 -1.03
C CYS A 116 -7.91 -0.31 -0.40
N TYR A 117 -8.80 -0.30 0.52
CA TYR A 117 -9.10 0.92 1.29
C TYR A 117 -8.62 0.82 2.76
N GLY A 118 -8.68 -0.37 3.38
CA GLY A 118 -8.31 -0.56 4.78
C GLY A 118 -7.10 0.22 5.29
N GLY A 119 -6.11 0.49 4.42
CA GLY A 119 -4.95 1.27 4.79
C GLY A 119 -5.35 2.71 5.05
N THR A 120 -6.15 3.26 4.15
CA THR A 120 -6.72 4.58 4.31
C THR A 120 -7.52 4.67 5.60
N ALA A 121 -8.46 3.74 5.78
CA ALA A 121 -9.27 3.71 7.00
C ALA A 121 -8.40 3.78 8.24
N ALA A 122 -7.35 2.95 8.28
CA ALA A 122 -6.41 2.93 9.41
C ALA A 122 -5.68 4.27 9.58
N LEU A 123 -5.22 4.87 8.48
CA LEU A 123 -4.52 6.17 8.52
C LEU A 123 -5.42 7.26 9.12
N LEU A 124 -6.65 7.39 8.60
CA LEU A 124 -7.60 8.32 9.18
C LEU A 124 -7.80 8.10 10.70
N ASN A 125 -7.91 6.84 11.12
CA ASN A 125 -8.02 6.52 12.55
C ASN A 125 -6.89 7.01 13.43
N CYS A 126 -5.67 6.94 12.91
CA CYS A 126 -4.50 7.40 13.63
C CYS A 126 -4.37 8.90 13.72
N VAL A 127 -4.73 9.55 12.63
CA VAL A 127 -4.70 10.99 12.60
C VAL A 127 -5.70 11.45 13.66
N ASN A 128 -6.87 10.81 13.69
CA ASN A 128 -7.90 11.19 14.65
C ASN A 128 -7.45 10.90 16.07
N TRP A 129 -6.70 9.81 16.26
CA TRP A 129 -6.25 9.45 17.59
C TRP A 129 -5.26 10.48 18.15
N VAL A 130 -4.32 10.93 17.32
CA VAL A 130 -3.40 12.01 17.72
C VAL A 130 -4.18 13.29 18.14
N GLU A 131 -5.28 13.58 17.46
CA GLU A 131 -6.04 14.80 17.75
C GLU A 131 -7.09 14.65 18.86
N SER A 132 -7.18 13.47 19.47
CA SER A 132 -8.27 13.20 20.42
C SER A 132 -7.85 13.50 21.86
N ASN A 133 -8.83 13.61 22.76
CA ASN A 133 -8.56 13.76 24.19
C ASN A 133 -7.81 12.56 24.78
N SER A 134 -8.01 11.39 24.19
CA SER A 134 -7.33 10.17 24.63
C SER A 134 -5.83 10.13 24.26
N TRP A 135 -5.38 10.97 23.34
CA TRP A 135 -3.98 10.93 22.89
C TRP A 135 -3.00 11.07 24.05
N ASP A 136 -2.02 10.17 24.12
CA ASP A 136 -1.07 10.11 25.23
C ASP A 136 0.27 10.77 24.94
N GLY A 137 0.41 11.46 23.80
CA GLY A 137 1.65 12.18 23.45
C GLY A 137 2.59 11.43 22.49
N ARG A 138 2.26 10.17 22.17
CA ARG A 138 3.12 9.28 21.39
C ARG A 138 2.76 9.17 19.91
N TYR A 139 3.66 8.58 19.13
CA TYR A 139 3.44 8.41 17.69
C TYR A 139 2.41 7.34 17.43
N GLY A 140 1.67 7.53 16.34
CA GLY A 140 0.88 6.47 15.75
C GLY A 140 1.72 5.83 14.67
N LEU A 141 1.35 4.61 14.30
CA LEU A 141 2.04 3.86 13.25
C LEU A 141 0.99 3.10 12.41
N VAL A 142 1.00 3.34 11.10
CA VAL A 142 0.04 2.71 10.20
C VAL A 142 0.79 1.80 9.23
N ILE A 143 0.29 0.58 9.07
CA ILE A 143 0.81 -0.37 8.10
C ILE A 143 -0.25 -0.71 7.04
N CYS A 144 0.14 -0.64 5.76
CA CYS A 144 -0.67 -1.22 4.69
C CYS A 144 0.09 -2.41 4.11
N THR A 145 -0.56 -3.55 4.01
CA THR A 145 0.13 -4.75 3.57
C THR A 145 -0.80 -5.68 2.81
N ASP A 146 -0.34 -6.16 1.66
CA ASP A 146 -1.14 -7.04 0.80
C ASP A 146 -0.25 -7.85 -0.14
N SER A 147 -0.73 -9.02 -0.52
CA SER A 147 -0.05 -9.88 -1.50
C SER A 147 -1.07 -10.68 -2.27
N ALA A 148 -0.82 -10.88 -3.56
CA ALA A 148 -1.78 -11.59 -4.39
C ALA A 148 -1.22 -12.91 -4.88
N VAL A 149 -2.06 -13.94 -4.87
CA VAL A 149 -1.74 -15.19 -5.58
C VAL A 149 -2.84 -15.50 -6.60
N TYR A 150 -2.47 -15.36 -7.87
CA TYR A 150 -3.25 -15.87 -8.97
C TYR A 150 -2.35 -16.77 -9.78
N ALA A 151 -2.54 -18.08 -9.64
CA ALA A 151 -1.74 -19.05 -10.38
C ALA A 151 -2.19 -19.21 -11.84
N GLU A 152 -3.43 -18.81 -12.13
CA GLU A 152 -4.09 -19.09 -13.40
C GLU A 152 -5.07 -17.98 -13.80
N GLY A 153 -5.40 -17.96 -15.08
CA GLY A 153 -6.51 -17.14 -15.59
C GLY A 153 -6.11 -15.70 -15.91
N PRO A 154 -7.11 -14.87 -16.28
CA PRO A 154 -6.86 -13.46 -16.65
C PRO A 154 -6.40 -12.56 -15.48
N ALA A 155 -6.70 -12.95 -14.24
CA ALA A 155 -6.23 -12.20 -13.05
C ALA A 155 -4.70 -12.18 -12.85
N ARG A 156 -4.02 -13.25 -13.31
CA ARG A 156 -2.60 -13.47 -13.04
C ARG A 156 -1.60 -12.34 -13.35
N PRO A 157 -1.77 -11.60 -14.47
CA PRO A 157 -0.88 -10.46 -14.68
C PRO A 157 -1.16 -9.26 -13.77
N THR A 158 -2.23 -9.33 -12.98
CA THR A 158 -2.70 -8.19 -12.20
C THR A 158 -2.36 -8.25 -10.72
N GLY A 159 -1.48 -9.17 -10.32
CA GLY A 159 -1.05 -9.27 -8.92
C GLY A 159 0.07 -8.29 -8.58
N GLY A 160 0.69 -8.49 -7.43
CA GLY A 160 1.70 -7.58 -6.87
C GLY A 160 1.76 -7.76 -5.36
N ALA A 161 2.75 -7.16 -4.71
CA ALA A 161 2.86 -7.25 -3.25
C ALA A 161 3.70 -6.13 -2.67
N ALA A 162 3.28 -5.56 -1.53
CA ALA A 162 4.14 -4.67 -0.74
C ALA A 162 3.61 -4.45 0.67
N ALA A 163 4.43 -3.76 1.47
CA ALA A 163 4.00 -3.22 2.76
C ALA A 163 4.49 -1.77 2.94
N ILE A 164 3.61 -0.90 3.43
CA ILE A 164 4.06 0.46 3.74
C ILE A 164 3.86 0.78 5.21
N ALA A 165 4.86 1.45 5.79
CA ALA A 165 4.74 1.94 7.18
C ALA A 165 4.78 3.47 7.22
N MET A 166 3.86 4.09 7.96
CA MET A 166 3.79 5.56 8.06
C MET A 166 3.73 5.99 9.52
N LEU A 167 4.62 6.88 9.91
CA LEU A 167 4.62 7.41 11.29
C LEU A 167 3.72 8.64 11.32
N ILE A 168 2.89 8.72 12.34
CA ILE A 168 1.89 9.78 12.41
C ILE A 168 2.09 10.60 13.70
N GLY A 169 2.02 11.92 13.57
CA GLY A 169 2.05 12.82 14.71
C GLY A 169 1.89 14.27 14.30
N PRO A 170 2.10 15.20 15.24
CA PRO A 170 2.01 16.63 15.00
C PRO A 170 3.25 17.21 14.29
N ASP A 171 3.14 18.44 13.79
CA ASP A 171 4.28 19.16 13.18
C ASP A 171 4.94 18.37 12.04
N ALA A 172 4.11 17.77 11.20
CA ALA A 172 4.55 16.85 10.16
C ALA A 172 4.95 17.64 8.92
N PRO A 173 5.78 17.03 8.03
CA PRO A 173 6.03 17.54 6.67
C PRO A 173 4.88 17.31 5.71
N ILE A 174 3.98 16.41 6.08
CA ILE A 174 2.86 16.01 5.24
C ILE A 174 1.62 16.16 6.10
N VAL A 175 0.99 17.33 5.96
CA VAL A 175 -0.11 17.73 6.83
C VAL A 175 -1.47 17.48 6.19
N PHE A 176 -2.37 16.85 6.93
CA PHE A 176 -3.73 16.70 6.48
C PHE A 176 -4.44 18.06 6.54
N GLU A 177 -5.16 18.40 5.47
CA GLU A 177 -6.13 19.50 5.51
C GLU A 177 -7.44 18.90 5.97
N SER A 178 -7.65 18.97 7.28
CA SER A 178 -8.70 18.21 7.94
C SER A 178 -10.02 18.13 7.20
N LYS A 179 -10.52 19.27 6.74
CA LYS A 179 -11.88 19.29 6.19
C LYS A 179 -11.96 19.15 4.68
N LEU A 180 -10.82 19.18 4.00
CA LEU A 180 -10.81 19.07 2.55
C LEU A 180 -10.90 17.58 2.15
N ARG A 181 -12.10 17.03 2.22
CA ARG A 181 -12.29 15.63 1.87
C ARG A 181 -13.73 15.34 1.45
N GLY A 182 -13.90 14.18 0.83
CA GLY A 182 -15.19 13.68 0.42
C GLY A 182 -15.13 12.18 0.45
N SER A 183 -16.14 11.55 1.06
CA SER A 183 -16.25 10.09 1.01
C SER A 183 -17.52 9.65 0.29
N HIS A 184 -17.51 8.40 -0.14
CA HIS A 184 -18.62 7.78 -0.82
C HIS A 184 -18.58 6.28 -0.49
N MET A 185 -19.68 5.78 0.10
CA MET A 185 -19.76 4.40 0.53
C MET A 185 -21.10 3.80 0.16
N ALA A 186 -21.10 2.59 -0.40
CA ALA A 186 -22.33 1.96 -0.91
C ALA A 186 -22.33 0.45 -0.75
N HIS A 187 -23.50 -0.16 -0.93
CA HIS A 187 -23.57 -1.61 -0.92
C HIS A 187 -23.62 -2.14 -2.35
N VAL A 188 -22.47 -2.54 -2.87
CA VAL A 188 -22.39 -3.06 -4.24
C VAL A 188 -21.67 -4.42 -4.32
N TYR A 189 -22.03 -5.21 -5.33
CA TYR A 189 -21.38 -6.50 -5.55
C TYR A 189 -20.51 -6.43 -6.79
N ASP A 190 -19.41 -5.68 -6.68
CA ASP A 190 -18.58 -5.34 -7.83
C ASP A 190 -17.32 -6.21 -7.98
N PHE A 191 -16.59 -6.36 -6.87
CA PHE A 191 -15.34 -7.10 -6.87
C PHE A 191 -15.23 -7.55 -5.42
N TYR A 192 -15.35 -8.86 -5.19
CA TYR A 192 -15.40 -9.41 -3.82
C TYR A 192 -14.88 -10.84 -3.76
N LYS A 193 -14.60 -11.30 -2.54
CA LYS A 193 -14.01 -12.62 -2.28
C LYS A 193 -14.90 -13.45 -1.35
N PRO A 194 -16.01 -13.99 -1.88
CA PRO A 194 -17.01 -14.64 -1.05
C PRO A 194 -16.74 -16.10 -0.77
N ASN A 195 -15.66 -16.61 -1.35
CA ASN A 195 -15.31 -18.01 -1.25
C ASN A 195 -14.13 -18.16 -0.30
N LEU A 196 -14.42 -18.52 0.95
CA LEU A 196 -13.41 -18.45 2.01
C LEU A 196 -12.21 -19.33 1.68
N ALA A 197 -12.49 -20.49 1.07
CA ALA A 197 -11.47 -21.42 0.62
C ALA A 197 -10.55 -20.89 -0.48
N SER A 198 -11.01 -19.90 -1.24
CA SER A 198 -10.29 -19.45 -2.44
C SER A 198 -9.83 -18.00 -2.37
N GLU A 199 -8.68 -17.74 -2.99
CA GLU A 199 -8.19 -16.37 -3.23
C GLU A 199 -8.86 -15.67 -4.42
N TYR A 200 -9.32 -16.45 -5.40
CA TYR A 200 -9.97 -15.92 -6.60
C TYR A 200 -11.25 -15.11 -6.30
N PRO A 201 -11.31 -13.86 -6.80
CA PRO A 201 -12.47 -13.00 -6.56
C PRO A 201 -13.66 -13.35 -7.46
N VAL A 202 -14.82 -12.80 -7.14
CA VAL A 202 -15.92 -12.71 -8.08
C VAL A 202 -15.92 -11.25 -8.57
N VAL A 203 -15.75 -11.06 -9.87
CA VAL A 203 -15.72 -9.71 -10.46
C VAL A 203 -16.92 -9.49 -11.39
N ASP A 204 -17.62 -8.37 -11.19
CA ASP A 204 -18.68 -7.94 -12.09
C ASP A 204 -18.12 -6.72 -12.83
N GLY A 205 -17.47 -6.94 -13.96
CA GLY A 205 -16.75 -5.87 -14.68
C GLY A 205 -17.52 -4.60 -14.99
N LYS A 206 -18.74 -4.76 -15.48
CA LYS A 206 -19.55 -3.65 -15.94
C LYS A 206 -20.02 -2.79 -14.77
N LEU A 207 -20.49 -3.47 -13.71
CA LEU A 207 -20.85 -2.82 -12.46
C LEU A 207 -19.62 -2.19 -11.75
N SER A 208 -18.47 -2.87 -11.77
CA SER A 208 -17.21 -2.33 -11.26
C SER A 208 -16.86 -0.99 -11.91
N GLN A 209 -17.02 -0.95 -13.24
CA GLN A 209 -16.88 0.25 -14.07
C GLN A 209 -17.76 1.41 -13.56
N THR A 210 -19.07 1.16 -13.44
CA THR A 210 -20.04 2.16 -13.02
C THR A 210 -19.82 2.62 -11.57
N CYS A 211 -19.64 1.65 -10.68
CA CYS A 211 -19.46 1.94 -9.25
C CYS A 211 -18.19 2.71 -8.93
N TYR A 212 -17.08 2.38 -9.59
CA TYR A 212 -15.84 3.12 -9.38
C TYR A 212 -16.01 4.59 -9.82
N LEU A 213 -16.60 4.83 -11.00
CA LEU A 213 -16.74 6.19 -11.50
C LEU A 213 -17.71 7.01 -10.64
N MET A 214 -18.79 6.37 -10.18
CA MET A 214 -19.74 7.00 -9.26
C MET A 214 -19.08 7.50 -7.98
N ALA A 215 -18.20 6.66 -7.40
CA ALA A 215 -17.46 6.97 -6.18
C ALA A 215 -16.52 8.15 -6.41
N LEU A 216 -15.70 8.03 -7.45
CA LEU A 216 -14.74 9.06 -7.82
C LEU A 216 -15.43 10.40 -8.06
N ASP A 217 -16.55 10.37 -8.80
CA ASP A 217 -17.35 11.58 -9.05
C ASP A 217 -17.86 12.15 -7.73
N SER A 218 -18.45 11.30 -6.90
CA SER A 218 -19.09 11.73 -5.68
C SER A 218 -18.06 12.23 -4.68
N CYS A 219 -16.98 11.47 -4.48
CA CYS A 219 -15.88 11.95 -3.66
C CYS A 219 -15.39 13.32 -4.12
N TYR A 220 -15.19 13.46 -5.44
CA TYR A 220 -14.74 14.72 -6.04
C TYR A 220 -15.70 15.88 -5.75
N LYS A 221 -16.98 15.69 -6.08
CA LYS A 221 -18.01 16.70 -5.82
C LYS A 221 -18.09 17.12 -4.34
N HIS A 222 -17.90 16.18 -3.41
CA HIS A 222 -18.00 16.49 -1.97
C HIS A 222 -16.79 17.26 -1.48
N LEU A 223 -15.63 16.97 -2.05
CA LEU A 223 -14.41 17.70 -1.72
C LEU A 223 -14.54 19.13 -2.23
N CYS A 224 -15.13 19.29 -3.42
CA CYS A 224 -15.43 20.60 -4.02
C CYS A 224 -16.34 21.45 -3.13
N ASN A 225 -17.44 20.86 -2.64
CA ASN A 225 -18.33 21.54 -1.67
C ASN A 225 -17.58 22.08 -0.43
N LYS A 226 -16.69 21.26 0.13
CA LYS A 226 -15.92 21.64 1.31
C LYS A 226 -14.85 22.68 0.99
N PHE A 227 -14.34 22.64 -0.24
CA PHE A 227 -13.40 23.64 -0.74
C PHE A 227 -14.06 25.01 -0.83
N GLU A 228 -15.31 25.02 -1.33
CA GLU A 228 -16.12 26.22 -1.45
C GLU A 228 -16.34 26.88 -0.11
N LYS A 229 -16.56 26.06 0.91
CA LYS A 229 -16.67 26.58 2.26
C LYS A 229 -15.30 27.06 2.75
N LEU A 230 -14.26 26.27 2.54
CA LEU A 230 -12.94 26.61 3.05
C LEU A 230 -12.28 27.84 2.40
N GLU A 231 -12.27 27.89 1.07
CA GLU A 231 -11.51 28.95 0.41
C GLU A 231 -12.31 29.92 -0.45
N GLY A 232 -13.59 29.62 -0.67
CA GLY A 232 -14.51 30.56 -1.28
C GLY A 232 -14.69 30.38 -2.77
N LYS A 233 -14.11 29.30 -3.32
CA LYS A 233 -14.29 28.95 -4.73
C LYS A 233 -14.52 27.46 -4.98
N GLU A 234 -14.90 27.16 -6.22
CA GLU A 234 -14.99 25.81 -6.68
C GLU A 234 -13.60 25.22 -6.86
N PHE A 235 -13.50 23.91 -6.57
CA PHE A 235 -12.27 23.17 -6.77
C PHE A 235 -12.19 22.66 -8.21
N SER A 236 -11.02 22.83 -8.83
CA SER A 236 -10.75 22.31 -10.16
C SER A 236 -9.41 21.59 -10.15
N ILE A 237 -9.08 20.94 -11.26
CA ILE A 237 -7.73 20.36 -11.47
C ILE A 237 -6.62 21.34 -11.13
N ASN A 238 -6.85 22.64 -11.37
CA ASN A 238 -5.85 23.68 -11.08
C ASN A 238 -5.61 23.97 -9.61
N ASP A 239 -6.46 23.43 -8.73
CA ASP A 239 -6.36 23.78 -7.30
C ASP A 239 -5.52 22.83 -6.47
N ALA A 240 -4.83 21.92 -7.15
CA ALA A 240 -3.82 21.08 -6.52
C ALA A 240 -2.62 20.93 -7.42
N ASP A 241 -1.47 20.72 -6.81
CA ASP A 241 -0.25 20.50 -7.56
C ASP A 241 -0.13 19.07 -8.08
N TYR A 242 -0.64 18.09 -7.33
CA TYR A 242 -0.55 16.67 -7.71
C TYR A 242 -1.75 15.86 -7.28
N PHE A 243 -2.12 14.90 -8.13
CA PHE A 243 -3.18 13.93 -7.82
C PHE A 243 -2.61 12.52 -7.75
N VAL A 244 -2.85 11.85 -6.62
CA VAL A 244 -2.37 10.50 -6.39
C VAL A 244 -3.58 9.59 -6.22
N PHE A 245 -3.52 8.41 -6.84
CA PHE A 245 -4.67 7.51 -6.93
C PHE A 245 -4.32 6.11 -6.46
N HIS A 246 -5.35 5.34 -6.07
CA HIS A 246 -5.23 3.90 -5.96
C HIS A 246 -4.78 3.41 -7.33
N SER A 247 -3.72 2.62 -7.39
CA SER A 247 -3.07 2.32 -8.67
C SER A 247 -2.87 0.83 -8.93
N PRO A 248 -3.97 0.05 -9.01
CA PRO A 248 -3.76 -1.38 -9.20
C PRO A 248 -3.04 -1.64 -10.54
N TYR A 249 -3.41 -0.87 -11.55
CA TYR A 249 -2.78 -0.89 -12.88
C TYR A 249 -2.86 0.53 -13.45
N ASN A 250 -1.82 0.94 -14.19
CA ASN A 250 -1.62 2.35 -14.55
C ASN A 250 -2.69 2.95 -15.43
N LYS A 251 -3.33 2.13 -16.25
CA LYS A 251 -4.43 2.57 -17.08
C LYS A 251 -5.60 3.14 -16.25
N LEU A 252 -5.90 2.52 -15.10
CA LEU A 252 -6.91 3.08 -14.20
C LEU A 252 -6.55 4.51 -13.74
N VAL A 253 -5.27 4.70 -13.37
CA VAL A 253 -4.74 6.03 -13.04
C VAL A 253 -5.00 7.07 -14.15
N GLN A 254 -4.64 6.74 -15.38
CA GLN A 254 -4.89 7.61 -16.53
C GLN A 254 -6.37 8.00 -16.64
N LYS A 255 -7.28 7.01 -16.65
CA LYS A 255 -8.72 7.25 -16.81
C LYS A 255 -9.30 8.09 -15.70
N SER A 256 -8.84 7.84 -14.48
CA SER A 256 -9.36 8.43 -13.27
C SER A 256 -9.08 9.91 -13.26
N PHE A 257 -7.83 10.28 -13.53
CA PHE A 257 -7.46 11.68 -13.61
C PHE A 257 -8.18 12.39 -14.76
N ALA A 258 -8.23 11.74 -15.92
CA ALA A 258 -8.99 12.24 -17.06
C ALA A 258 -10.44 12.53 -16.65
N ARG A 259 -11.04 11.61 -15.90
CA ARG A 259 -12.41 11.78 -15.39
C ARG A 259 -12.59 13.07 -14.56
N LEU A 260 -11.57 13.43 -13.79
CA LEU A 260 -11.62 14.66 -13.00
C LEU A 260 -11.76 15.90 -13.88
N LEU A 261 -11.04 15.92 -15.01
CA LEU A 261 -11.15 16.98 -16.02
C LEU A 261 -12.59 17.08 -16.54
N TYR A 308 -1.71 17.90 -18.41
CA TYR A 308 -1.85 17.97 -16.96
C TYR A 308 -1.34 16.69 -16.30
N TYR A 309 -1.64 15.55 -16.92
CA TYR A 309 -1.22 14.26 -16.39
C TYR A 309 0.29 14.24 -16.27
N ASP A 310 1.00 14.75 -17.27
CA ASP A 310 2.48 14.72 -17.24
C ASP A 310 3.03 15.51 -16.07
N ALA A 311 2.37 16.62 -15.73
CA ALA A 311 2.76 17.47 -14.59
C ALA A 311 2.26 16.94 -13.23
N LYS A 312 1.01 16.49 -13.18
CA LYS A 312 0.35 16.30 -11.89
C LYS A 312 0.30 14.85 -11.40
N VAL A 313 0.31 13.91 -12.34
CA VAL A 313 0.12 12.51 -12.03
C VAL A 313 1.29 11.63 -12.39
N GLN A 314 1.97 11.97 -13.50
CA GLN A 314 3.04 11.12 -14.01
C GLN A 314 4.12 10.71 -12.98
N PRO A 315 4.62 11.67 -12.17
CA PRO A 315 5.61 11.32 -11.12
C PRO A 315 5.07 10.41 -10.00
N THR A 316 3.78 10.10 -10.01
CA THR A 316 3.24 9.18 -9.00
C THR A 316 3.22 7.72 -9.50
N THR A 317 3.76 7.48 -10.69
CA THR A 317 3.56 6.18 -11.31
C THR A 317 4.76 5.20 -11.22
N LEU A 318 5.90 5.66 -10.74
CA LEU A 318 7.11 4.82 -10.74
C LEU A 318 6.92 3.41 -10.13
N VAL A 319 6.69 3.34 -8.82
CA VAL A 319 6.63 2.06 -8.08
C VAL A 319 5.42 1.16 -8.45
N PRO A 320 4.19 1.74 -8.53
CA PRO A 320 3.05 0.98 -9.02
C PRO A 320 3.30 0.27 -10.35
N LYS A 321 3.90 0.97 -11.31
CA LYS A 321 4.20 0.39 -12.62
C LYS A 321 5.28 -0.71 -12.60
N GLN A 322 6.19 -0.66 -11.64
CA GLN A 322 7.29 -1.62 -11.54
C GLN A 322 7.02 -2.80 -10.61
N VAL A 323 6.06 -2.62 -9.70
CA VAL A 323 5.81 -3.58 -8.63
C VAL A 323 4.46 -4.27 -8.82
N GLY A 324 3.49 -3.58 -9.41
CA GLY A 324 2.18 -4.15 -9.64
C GLY A 324 1.12 -3.69 -8.65
N ASN A 325 0.02 -4.43 -8.57
CA ASN A 325 -1.09 -4.09 -7.69
C ASN A 325 -0.71 -4.36 -6.27
N MET A 326 -0.78 -3.32 -5.43
CA MET A 326 -0.38 -3.45 -4.02
C MET A 326 -1.56 -3.26 -3.10
N TYR A 327 -2.77 -3.27 -3.68
CA TYR A 327 -4.03 -3.24 -2.93
C TYR A 327 -4.05 -2.12 -1.89
N THR A 328 -4.10 -2.43 -0.61
CA THR A 328 -4.19 -1.37 0.39
C THR A 328 -3.00 -0.43 0.39
N ALA A 329 -1.86 -0.90 -0.10
CA ALA A 329 -0.63 -0.13 -0.10
C ALA A 329 -0.39 0.64 -1.41
N SER A 330 -1.21 0.35 -2.42
CA SER A 330 -1.09 0.97 -3.75
C SER A 330 -1.16 2.51 -3.80
N LEU A 331 -2.18 3.12 -3.23
CA LEU A 331 -2.23 4.58 -3.16
C LEU A 331 -0.96 5.17 -2.55
N TYR A 332 -0.50 4.54 -1.48
CA TYR A 332 0.62 5.03 -0.70
C TYR A 332 1.98 4.77 -1.37
N ALA A 333 2.02 3.77 -2.24
CA ALA A 333 3.21 3.53 -3.05
C ALA A 333 3.26 4.55 -4.20
N ALA A 334 2.09 4.93 -4.69
CA ALA A 334 1.99 6.00 -5.66
C ALA A 334 2.47 7.32 -5.02
N PHE A 335 2.04 7.58 -3.79
CA PHE A 335 2.50 8.74 -3.03
C PHE A 335 4.02 8.69 -2.80
N ALA A 336 4.53 7.50 -2.48
CA ALA A 336 5.97 7.31 -2.20
C ALA A 336 6.77 7.62 -3.45
N SER A 337 6.22 7.27 -4.61
CA SER A 337 6.89 7.53 -5.88
C SER A 337 6.97 9.02 -6.08
N LEU A 338 5.94 9.75 -5.66
CA LEU A 338 5.92 11.20 -5.81
C LEU A 338 7.00 11.86 -4.95
N VAL A 339 7.16 11.38 -3.71
CA VAL A 339 8.18 11.93 -2.81
C VAL A 339 9.56 11.66 -3.36
N HIS A 340 9.75 10.45 -3.87
CA HIS A 340 11.01 10.01 -4.45
C HIS A 340 11.42 10.92 -5.62
N ASN A 341 10.51 11.09 -6.56
CA ASN A 341 10.71 11.86 -7.77
C ASN A 341 10.82 13.36 -7.61
N LYS A 342 10.05 13.92 -6.66
CA LYS A 342 9.83 15.37 -6.56
C LYS A 342 10.09 16.00 -5.18
N HIS A 343 10.76 15.29 -4.27
CA HIS A 343 10.88 15.78 -2.88
C HIS A 343 11.34 17.23 -2.75
N SER A 344 12.14 17.71 -3.70
CA SER A 344 12.73 19.06 -3.64
C SER A 344 11.78 20.13 -4.18
N ASP A 345 10.73 19.70 -4.87
CA ASP A 345 9.72 20.61 -5.40
C ASP A 345 8.46 20.64 -4.54
N LEU A 346 8.35 19.72 -3.58
CA LEU A 346 7.05 19.44 -2.94
C LEU A 346 6.62 20.41 -1.84
N ALA A 347 7.58 21.05 -1.18
CA ALA A 347 7.26 22.01 -0.11
C ALA A 347 6.40 23.18 -0.63
N GLY A 348 5.34 23.49 0.11
CA GLY A 348 4.34 24.50 -0.29
C GLY A 348 3.17 23.97 -1.12
N LYS A 349 3.29 22.75 -1.63
CA LYS A 349 2.32 22.16 -2.57
C LYS A 349 1.12 21.43 -1.96
N ARG A 350 0.05 21.34 -2.73
CA ARG A 350 -1.11 20.55 -2.36
C ARG A 350 -1.15 19.25 -3.18
N VAL A 351 -1.28 18.15 -2.45
CA VAL A 351 -1.36 16.80 -3.00
C VAL A 351 -2.72 16.20 -2.65
N VAL A 352 -3.53 15.97 -3.67
CA VAL A 352 -4.83 15.37 -3.46
C VAL A 352 -4.67 13.85 -3.61
N MET A 353 -5.39 13.09 -2.76
CA MET A 353 -5.20 11.64 -2.65
C MET A 353 -6.53 10.97 -2.78
N PHE A 354 -6.66 9.98 -3.67
CA PHE A 354 -7.93 9.24 -3.78
C PHE A 354 -7.81 7.76 -3.50
N SER A 355 -8.50 7.34 -2.43
CA SER A 355 -8.50 5.95 -2.01
C SER A 355 -9.80 5.22 -2.39
N TYR A 356 -9.67 4.10 -3.07
CA TYR A 356 -10.83 3.29 -3.40
C TYR A 356 -10.67 1.91 -2.81
N GLY A 357 -11.80 1.26 -2.56
CA GLY A 357 -11.88 -0.16 -2.20
C GLY A 357 -13.25 -0.64 -2.66
N SER A 358 -13.28 -1.73 -3.44
CA SER A 358 -14.52 -2.33 -3.97
C SER A 358 -15.49 -2.73 -2.87
N GLY A 359 -16.78 -2.68 -3.16
CA GLY A 359 -17.75 -3.08 -2.15
C GLY A 359 -18.89 -2.17 -1.74
N SER A 360 -18.73 -0.84 -1.66
CA SER A 360 -17.51 -0.10 -1.96
C SER A 360 -17.31 1.02 -0.94
N THR A 361 -16.07 1.44 -0.78
CA THR A 361 -15.68 2.48 0.17
C THR A 361 -14.63 3.34 -0.50
N ALA A 362 -14.89 4.64 -0.59
CA ALA A 362 -13.92 5.56 -1.17
C ALA A 362 -13.76 6.85 -0.35
N THR A 363 -12.56 7.44 -0.40
CA THR A 363 -12.33 8.76 0.17
C THR A 363 -11.27 9.52 -0.64
N MET A 364 -11.63 10.72 -1.06
CA MET A 364 -10.69 11.68 -1.59
C MET A 364 -10.37 12.66 -0.47
N PHE A 365 -9.09 12.92 -0.27
CA PHE A 365 -8.65 13.80 0.80
C PHE A 365 -7.41 14.57 0.37
N SER A 366 -7.11 15.63 1.11
CA SER A 366 -6.07 16.54 0.69
C SER A 366 -4.96 16.75 1.72
N LEU A 367 -3.75 16.95 1.20
CA LEU A 367 -2.56 17.13 2.01
C LEU A 367 -1.80 18.39 1.62
N ARG A 368 -1.23 19.05 2.61
CA ARG A 368 -0.37 20.21 2.45
C ARG A 368 1.08 19.83 2.82
N LEU A 369 2.00 19.86 1.86
CA LEU A 369 3.37 19.47 2.16
C LEU A 369 4.29 20.67 2.40
N CYS A 370 5.24 20.50 3.28
CA CYS A 370 6.27 21.50 3.52
C CYS A 370 7.57 20.83 3.92
N GLU A 371 8.69 21.44 3.54
CA GLU A 371 9.96 21.02 4.13
C GLU A 371 9.95 21.40 5.61
N ASN A 372 10.56 20.53 6.39
CA ASN A 372 10.49 20.59 7.82
C ASN A 372 11.94 20.36 8.31
N GLN A 373 12.12 19.77 9.47
CA GLN A 373 13.46 19.46 9.91
C GLN A 373 13.65 17.95 9.86
N SER A 374 14.82 17.55 9.40
CA SER A 374 15.29 16.18 9.52
C SER A 374 15.18 15.76 10.99
N PRO A 375 14.82 14.49 11.28
CA PRO A 375 14.56 13.34 10.38
C PRO A 375 13.23 13.37 9.65
N PHE A 376 12.31 14.23 10.08
CA PHE A 376 10.98 14.27 9.47
C PHE A 376 10.87 15.35 8.41
N SER A 377 11.70 15.22 7.38
CA SER A 377 11.64 16.12 6.24
C SER A 377 11.36 15.39 4.93
N LEU A 378 10.74 16.10 3.99
CA LEU A 378 10.49 15.56 2.66
C LEU A 378 11.79 15.00 2.08
N SER A 379 12.88 15.70 2.38
CA SER A 379 14.18 15.31 1.86
C SER A 379 14.73 14.04 2.54
N ASN A 380 14.62 13.93 3.86
CA ASN A 380 15.06 12.72 4.56
C ASN A 380 14.18 11.50 4.27
N ILE A 381 12.89 11.73 4.02
CA ILE A 381 11.98 10.64 3.68
C ILE A 381 12.37 10.00 2.34
N ALA A 382 12.70 10.81 1.34
CA ALA A 382 13.16 10.31 0.04
C ALA A 382 14.44 9.50 0.17
N SER A 383 15.37 10.04 0.96
CA SER A 383 16.66 9.42 1.20
C SER A 383 16.48 8.01 1.79
N VAL A 384 15.87 7.94 2.99
CA VAL A 384 15.54 6.69 3.68
C VAL A 384 14.81 5.63 2.82
N MET A 385 13.77 6.01 2.08
CA MET A 385 13.01 5.03 1.28
C MET A 385 13.86 4.38 0.20
N ASP A 386 14.86 5.12 -0.26
CA ASP A 386 15.80 4.64 -1.27
C ASP A 386 15.08 3.78 -2.33
N VAL A 387 14.04 4.35 -2.93
CA VAL A 387 13.25 3.65 -3.96
C VAL A 387 14.13 3.19 -5.14
N GLY A 388 15.14 3.98 -5.47
CA GLY A 388 16.07 3.67 -6.55
C GLY A 388 16.94 2.50 -6.21
N GLY A 389 17.46 2.49 -4.98
CA GLY A 389 18.25 1.35 -4.44
C GLY A 389 17.49 0.03 -4.40
N LYS A 390 16.21 0.10 -4.11
CA LYS A 390 15.38 -1.11 -4.02
C LYS A 390 15.02 -1.70 -5.40
N LEU A 391 14.86 -0.84 -6.41
CA LEU A 391 14.58 -1.31 -7.76
C LEU A 391 15.81 -1.96 -8.42
N LYS A 392 16.99 -1.45 -8.10
CA LYS A 392 18.25 -2.02 -8.60
C LYS A 392 18.56 -3.40 -7.98
N ALA A 393 18.12 -3.60 -6.73
CA ALA A 393 18.43 -4.81 -5.96
C ALA A 393 17.50 -6.02 -6.26
N ARG A 394 16.64 -5.86 -7.26
CA ARG A 394 15.64 -6.86 -7.63
C ARG A 394 16.20 -8.10 -8.33
N HIS A 395 15.40 -9.16 -8.39
CA HIS A 395 15.81 -10.42 -8.98
C HIS A 395 14.69 -10.95 -9.88
N GLU A 396 14.99 -11.03 -11.17
CA GLU A 396 13.98 -11.40 -12.17
C GLU A 396 13.79 -12.91 -12.34
N TYR A 397 12.55 -13.33 -12.58
CA TYR A 397 12.18 -14.71 -12.86
C TYR A 397 11.67 -14.84 -14.27
N ALA A 398 12.11 -15.89 -14.96
CA ALA A 398 11.49 -16.27 -16.23
C ALA A 398 10.02 -16.52 -15.93
N PRO A 399 9.11 -16.20 -16.87
CA PRO A 399 7.69 -16.46 -16.63
C PRO A 399 7.35 -17.86 -16.12
N GLU A 400 8.02 -18.89 -16.63
CA GLU A 400 7.74 -20.25 -16.17
C GLU A 400 8.01 -20.45 -14.69
N LYS A 401 9.16 -19.98 -14.23
CA LYS A 401 9.53 -20.06 -12.82
C LYS A 401 8.58 -19.23 -11.96
N PHE A 402 8.10 -18.10 -12.48
CA PHE A 402 7.06 -17.32 -11.83
C PHE A 402 5.80 -18.16 -11.67
N VAL A 403 5.37 -18.83 -12.74
CA VAL A 403 4.16 -19.69 -12.72
C VAL A 403 4.27 -20.89 -11.78
N GLU A 404 5.42 -21.56 -11.79
CA GLU A 404 5.71 -22.61 -10.79
C GLU A 404 5.58 -22.09 -9.36
N THR A 405 6.14 -20.90 -9.09
CA THR A 405 6.10 -20.29 -7.76
C THR A 405 4.68 -19.95 -7.34
N MET A 406 3.86 -19.58 -8.32
CA MET A 406 2.45 -19.30 -8.10
C MET A 406 1.64 -20.57 -7.78
N LYS A 407 1.95 -21.67 -8.47
CA LYS A 407 1.39 -22.99 -8.14
C LYS A 407 1.71 -23.41 -6.71
N LEU A 408 2.98 -23.25 -6.34
CA LEU A 408 3.44 -23.52 -4.98
C LEU A 408 2.60 -22.70 -3.97
N MET A 409 2.45 -21.40 -4.23
CA MET A 409 1.67 -20.53 -3.35
C MET A 409 0.19 -20.94 -3.23
N GLU A 410 -0.39 -21.46 -4.30
CA GLU A 410 -1.72 -22.04 -4.25
C GLU A 410 -1.80 -23.17 -3.22
N HIS A 411 -0.85 -24.10 -3.30
CA HIS A 411 -0.75 -25.25 -2.41
C HIS A 411 -0.55 -24.85 -0.94
N ARG A 412 0.22 -23.80 -0.67
CA ARG A 412 0.55 -23.44 0.71
C ARG A 412 -0.56 -22.64 1.36
N TYR A 413 -1.46 -22.14 0.54
CA TYR A 413 -2.56 -21.30 1.01
C TYR A 413 -3.62 -22.11 1.79
N GLY A 414 -3.59 -21.94 3.12
CA GLY A 414 -4.43 -22.72 4.04
C GLY A 414 -3.77 -24.01 4.51
N ALA A 415 -2.51 -24.17 4.16
CA ALA A 415 -1.77 -25.37 4.51
C ALA A 415 -1.23 -25.21 5.91
N LYS A 416 -0.89 -26.33 6.53
CA LYS A 416 -0.30 -26.34 7.86
C LYS A 416 0.78 -27.41 7.81
N GLU A 417 1.63 -27.47 8.83
CA GLU A 417 2.64 -28.52 8.96
C GLU A 417 3.52 -28.66 7.73
N PHE A 418 4.29 -27.61 7.44
CA PHE A 418 5.25 -27.63 6.37
C PHE A 418 6.41 -26.72 6.70
N VAL A 419 7.57 -27.06 6.16
CA VAL A 419 8.74 -26.22 6.29
C VAL A 419 8.96 -25.62 4.91
N THR A 420 9.37 -24.36 4.85
CA THR A 420 9.58 -23.72 3.55
C THR A 420 10.92 -24.18 2.96
N SER A 421 11.02 -24.22 1.64
CA SER A 421 12.29 -24.58 1.01
C SER A 421 13.08 -23.32 0.67
N LYS A 422 14.33 -23.26 1.14
CA LYS A 422 15.13 -22.02 1.16
C LYS A 422 16.23 -21.88 0.10
N GLU A 423 16.84 -22.99 -0.29
CA GLU A 423 17.98 -22.94 -1.21
C GLU A 423 17.62 -22.24 -2.51
N GLY A 424 18.46 -21.28 -2.88
CA GLY A 424 18.29 -20.52 -4.11
C GLY A 424 17.37 -19.33 -3.96
N ILE A 425 16.56 -19.31 -2.90
CA ILE A 425 15.61 -18.21 -2.68
C ILE A 425 16.11 -17.26 -1.58
N LEU A 426 16.48 -17.83 -0.44
CA LEU A 426 17.01 -17.05 0.68
C LEU A 426 18.17 -16.15 0.24
N ASP A 427 19.00 -16.66 -0.67
CA ASP A 427 20.13 -15.92 -1.24
C ASP A 427 19.71 -14.62 -1.92
N LEU A 428 18.48 -14.58 -2.40
CA LEU A 428 17.95 -13.43 -3.16
C LEU A 428 17.42 -12.31 -2.26
N LEU A 429 17.22 -12.58 -0.97
CA LEU A 429 16.66 -11.56 -0.07
C LEU A 429 17.78 -10.71 0.49
N ALA A 430 17.52 -9.41 0.62
CA ALA A 430 18.45 -8.48 1.24
C ALA A 430 18.80 -8.93 2.67
N PRO A 431 20.04 -8.69 3.14
CA PRO A 431 20.34 -9.07 4.53
C PRO A 431 19.38 -8.41 5.53
N GLY A 432 19.01 -9.13 6.59
CA GLY A 432 18.04 -8.63 7.55
C GLY A 432 16.57 -8.95 7.27
N THR A 433 16.26 -9.42 6.06
CA THR A 433 14.89 -9.66 5.64
C THR A 433 14.25 -10.74 6.52
N TYR A 434 13.05 -10.45 7.03
CA TYR A 434 12.24 -11.45 7.69
C TYR A 434 11.71 -12.44 6.66
N TYR A 435 11.75 -13.72 7.01
CA TYR A 435 11.20 -14.75 6.15
C TYR A 435 10.49 -15.82 6.96
N LEU A 436 9.59 -16.55 6.29
CA LEU A 436 8.85 -17.65 6.89
C LEU A 436 9.72 -18.92 6.82
N LYS A 437 9.92 -19.53 8.01
CA LYS A 437 10.68 -20.76 8.18
C LYS A 437 9.76 -21.97 8.10
N GLU A 438 8.62 -21.90 8.79
CA GLU A 438 7.66 -22.99 8.78
C GLU A 438 6.31 -22.59 9.29
N VAL A 439 5.32 -23.45 9.02
CA VAL A 439 3.98 -23.40 9.59
C VAL A 439 3.78 -24.75 10.28
N ASP A 440 3.54 -24.76 11.58
CA ASP A 440 3.42 -26.03 12.29
C ASP A 440 2.04 -26.69 12.15
N SER A 441 1.83 -27.82 12.84
CA SER A 441 0.61 -28.59 12.63
C SER A 441 -0.62 -27.90 13.24
N LEU A 442 -0.38 -26.81 13.96
CA LEU A 442 -1.46 -26.01 14.56
C LEU A 442 -1.59 -24.64 13.90
N TYR A 443 -1.04 -24.52 12.69
CA TYR A 443 -1.03 -23.29 11.87
C TYR A 443 -0.24 -22.13 12.46
N ARG A 444 0.73 -22.39 13.30
CA ARG A 444 1.50 -21.31 13.85
C ARG A 444 2.61 -21.03 12.88
N ARG A 445 2.90 -19.74 12.66
CA ARG A 445 3.93 -19.34 11.71
C ARG A 445 5.16 -18.84 12.45
N PHE A 446 6.33 -19.31 12.03
CA PHE A 446 7.58 -18.94 12.66
C PHE A 446 8.46 -18.30 11.62
N TYR A 447 9.10 -17.19 11.98
CA TYR A 447 9.88 -16.38 11.04
C TYR A 447 11.33 -16.30 11.41
N GLY A 448 12.18 -16.16 10.40
CA GLY A 448 13.59 -15.92 10.61
C GLY A 448 13.97 -14.56 10.06
N LYS A 449 15.20 -14.17 10.32
CA LYS A 449 15.72 -12.91 9.83
C LYS A 449 17.05 -13.19 9.16
N LYS A 450 17.17 -12.92 7.86
CA LYS A 450 18.51 -12.78 7.21
C LYS A 450 18.57 -13.30 5.78
C1 F24 B . -9.58 -3.69 -5.47
O1 F24 B . -11.22 3.61 -18.24
C2 F24 B . -9.17 -2.92 -6.75
O2 F24 B . -10.37 -2.41 -3.43
C3 F24 B . -11.73 3.53 -17.10
C4 F24 B . -8.94 -5.08 -5.39
O4 F24 B . -12.78 4.13 -16.77
C5 F24 B . -9.89 -1.60 -7.00
O5 F24 B . -8.84 -5.55 -4.03
C6 F24 B . -11.05 2.71 -16.03
O6 F24 B . -7.75 -2.70 -6.74
C7 F24 B . -13.55 1.28 -12.74
C8 F24 B . -9.27 -2.86 -4.21
C9 F24 B . -12.16 1.96 -15.31
C10 F24 B . -10.97 -1.77 -8.07
C11 F24 B . -10.56 -1.26 -9.45
C12 F24 B . -11.72 0.68 -14.56
C13 F24 B . -11.09 -3.07 -12.03
C14 F24 B . -12.49 0.31 -13.26
C16 F24 B . -12.55 -1.15 -12.76
C18 F24 B . -11.41 -1.58 -11.84
C20 F24 B . -11.77 -1.25 -10.39
C21 F24 B . -13.45 2.70 -14.94
#